data_5HJ7
#
_entry.id   5HJ7
#
_cell.length_a   95.796
_cell.length_b   95.796
_cell.length_c   61.736
_cell.angle_alpha   90.00
_cell.angle_beta   90.00
_cell.angle_gamma   90.00
#
_symmetry.space_group_name_H-M   'P 43'
#
loop_
_entity.id
_entity.type
_entity.pdbx_description
1 polymer 'Glutamate racemase'
2 non-polymer 'D-GLUTAMIC ACID'
3 water water
#
_entity_poly.entity_id   1
_entity_poly.type   'polypeptide(L)'
_entity_poly.pdbx_seq_one_letter_code
;SHMNSPLAPVGVFDSGVGGLTVARAIIDQLPDEDIVYVGDTGNGPYGPLTIPEIRAHALAIGDDLVGRGVKALVIACNSA
SSACLRDARERYQVPVVEVILPAVRRAVAATRNGRIGVIGTRATITSHAYQDAFAAARDTEITAVACPRFVDFVERGVTS
GRQVLGLAQGYLEPLQRAEVDTLVLGCTHYPLLSGLIQLAMGENVTLVSSAEETAKEVVRVLTEIDLLRPHDAPPATRIF
EATGDPEAFTKLAARFLGPVLGGVQPVHPSRIH
;
_entity_poly.pdbx_strand_id   A,B
#
# COMPACT_ATOMS: atom_id res chain seq x y z
N ASN A 4 -6.08 20.35 -20.44
CA ASN A 4 -7.54 20.42 -20.40
C ASN A 4 -8.04 21.23 -19.20
N SER A 5 -9.17 20.85 -18.74
CA SER A 5 -9.87 21.40 -17.59
C SER A 5 -9.54 20.60 -16.33
N PRO A 6 -9.30 21.25 -15.18
CA PRO A 6 -9.19 20.50 -13.92
C PRO A 6 -10.40 19.62 -13.62
N LEU A 7 -11.56 19.92 -14.21
CA LEU A 7 -12.77 19.14 -13.96
C LEU A 7 -12.85 17.88 -14.80
N ALA A 8 -11.97 17.72 -15.78
CA ALA A 8 -11.96 16.52 -16.60
C ALA A 8 -11.51 15.30 -15.78
N PRO A 9 -11.97 14.11 -16.14
CA PRO A 9 -11.57 12.91 -15.38
C PRO A 9 -10.13 12.50 -15.64
N VAL A 10 -9.63 11.63 -14.76
CA VAL A 10 -8.39 10.90 -14.99
C VAL A 10 -8.74 9.55 -15.59
N GLY A 11 -8.13 9.22 -16.73
CA GLY A 11 -8.32 7.93 -17.34
C GLY A 11 -7.31 6.93 -16.79
N VAL A 12 -7.80 5.73 -16.50
CA VAL A 12 -6.96 4.65 -16.02
C VAL A 12 -7.40 3.38 -16.73
N PHE A 13 -6.45 2.61 -17.25
CA PHE A 13 -6.87 1.37 -17.87
C PHE A 13 -5.86 0.27 -17.62
N ASP A 14 -6.33 -0.95 -17.86
CA ASP A 14 -5.62 -2.16 -17.45
C ASP A 14 -6.06 -3.28 -18.37
N SER A 15 -5.28 -4.37 -18.33
CA SER A 15 -5.65 -5.58 -19.02
C SER A 15 -6.95 -6.19 -18.51
N GLY A 16 -7.34 -5.88 -17.27
CA GLY A 16 -8.49 -6.54 -16.68
C GLY A 16 -8.92 -5.92 -15.37
N VAL A 17 -8.97 -6.75 -14.32
CA VAL A 17 -9.43 -6.30 -13.01
C VAL A 17 -8.27 -5.97 -12.07
N GLY A 18 -7.07 -6.52 -12.31
CA GLY A 18 -5.96 -6.31 -11.38
C GLY A 18 -5.48 -4.88 -11.32
N GLY A 19 -5.71 -4.11 -12.38
CA GLY A 19 -5.34 -2.70 -12.34
C GLY A 19 -6.11 -1.91 -11.31
N LEU A 20 -7.13 -2.51 -10.69
CA LEU A 20 -7.80 -1.83 -9.59
C LEU A 20 -6.88 -1.59 -8.41
N THR A 21 -5.78 -2.36 -8.27
CA THR A 21 -4.82 -2.03 -7.22
C THR A 21 -4.24 -0.64 -7.45
N VAL A 22 -3.99 -0.29 -8.72
CA VAL A 22 -3.48 1.04 -9.07
C VAL A 22 -4.58 2.08 -8.91
N ALA A 23 -5.79 1.79 -9.39
CA ALA A 23 -6.88 2.74 -9.25
C ALA A 23 -7.20 3.02 -7.79
N ARG A 24 -7.19 1.96 -6.95
CA ARG A 24 -7.49 2.16 -5.53
C ARG A 24 -6.44 3.04 -4.87
N ALA A 25 -5.17 2.85 -5.26
CA ALA A 25 -4.11 3.69 -4.72
C ALA A 25 -4.24 5.14 -5.20
N ILE A 26 -4.54 5.34 -6.48
CA ILE A 26 -4.79 6.70 -6.96
C ILE A 26 -5.93 7.34 -6.19
N ILE A 27 -7.05 6.63 -6.07
CA ILE A 27 -8.23 7.21 -5.41
C ILE A 27 -7.92 7.51 -3.94
N ASP A 28 -7.15 6.63 -3.27
CA ASP A 28 -6.69 6.89 -1.89
C ASP A 28 -5.99 8.23 -1.78
N GLN A 29 -5.13 8.57 -2.75
CA GLN A 29 -4.38 9.81 -2.69
C GLN A 29 -5.18 11.00 -3.18
N LEU A 30 -6.20 10.75 -4.01
CA LEU A 30 -6.90 11.80 -4.74
C LEU A 30 -8.40 11.56 -4.67
N PRO A 31 -9.00 11.76 -3.49
CA PRO A 31 -10.44 11.50 -3.35
C PRO A 31 -11.33 12.45 -4.14
N ASP A 32 -10.83 13.59 -4.60
CA ASP A 32 -11.67 14.53 -5.33
C ASP A 32 -11.57 14.41 -6.85
N GLU A 33 -10.64 13.61 -7.38
CA GLU A 33 -10.52 13.43 -8.82
C GLU A 33 -11.64 12.56 -9.38
N ASP A 34 -12.22 12.99 -10.50
CA ASP A 34 -13.05 12.08 -11.29
C ASP A 34 -12.16 11.04 -11.97
N ILE A 35 -12.67 9.82 -12.08
CA ILE A 35 -11.92 8.67 -12.56
C ILE A 35 -12.76 7.93 -13.60
N VAL A 36 -12.14 7.54 -14.71
CA VAL A 36 -12.73 6.54 -15.60
C VAL A 36 -11.73 5.39 -15.75
N TYR A 37 -12.11 4.23 -15.21
CA TYR A 37 -11.32 3.02 -15.29
C TYR A 37 -11.93 2.10 -16.35
N VAL A 38 -11.08 1.54 -17.21
CA VAL A 38 -11.48 0.51 -18.18
C VAL A 38 -10.54 -0.68 -18.00
N GLY A 39 -11.09 -1.85 -17.74
CA GLY A 39 -10.34 -3.10 -17.70
C GLY A 39 -10.71 -3.95 -18.91
N ASP A 40 -9.69 -4.38 -19.64
CA ASP A 40 -9.86 -5.07 -20.92
C ASP A 40 -10.12 -6.57 -20.74
N THR A 41 -11.10 -6.92 -19.89
CA THR A 41 -11.39 -8.34 -19.67
C THR A 41 -11.87 -9.03 -20.94
N GLY A 42 -12.39 -8.28 -21.91
CA GLY A 42 -12.77 -8.87 -23.17
C GLY A 42 -11.61 -9.43 -23.97
N ASN A 43 -10.42 -8.83 -23.83
CA ASN A 43 -9.26 -9.22 -24.63
C ASN A 43 -8.07 -9.74 -23.84
N GLY A 44 -8.01 -9.54 -22.53
CA GLY A 44 -6.89 -10.03 -21.75
C GLY A 44 -7.07 -11.47 -21.32
N PRO A 45 -6.15 -12.02 -20.50
CA PRO A 45 -4.94 -11.40 -19.93
C PRO A 45 -3.91 -11.00 -20.97
N TYR A 46 -3.14 -9.95 -20.68
CA TYR A 46 -2.05 -9.53 -21.56
C TYR A 46 -0.78 -10.33 -21.33
N GLY A 47 -0.62 -10.89 -20.12
CA GLY A 47 0.53 -11.69 -19.74
C GLY A 47 1.12 -12.61 -20.80
N PRO A 48 0.29 -13.46 -21.41
CA PRO A 48 0.79 -14.41 -22.42
C PRO A 48 0.76 -13.93 -23.86
N LEU A 49 0.35 -12.68 -24.11
CA LEU A 49 0.24 -12.17 -25.47
C LEU A 49 1.59 -11.66 -25.97
N THR A 50 1.66 -11.42 -27.29
CA THR A 50 2.81 -10.76 -27.88
C THR A 50 2.69 -9.25 -27.72
N ILE A 51 3.82 -8.56 -27.90
CA ILE A 51 3.85 -7.11 -27.71
C ILE A 51 2.94 -6.39 -28.70
N PRO A 52 2.97 -6.66 -30.01
CA PRO A 52 2.00 -6.00 -30.91
C PRO A 52 0.55 -6.34 -30.59
N GLU A 53 0.26 -7.55 -30.10
CA GLU A 53 -1.10 -7.86 -29.69
C GLU A 53 -1.54 -6.98 -28.52
N ILE A 54 -0.68 -6.86 -27.51
CA ILE A 54 -1.01 -6.06 -26.33
C ILE A 54 -1.22 -4.60 -26.72
N ARG A 55 -0.29 -4.06 -27.53
CA ARG A 55 -0.35 -2.66 -27.90
C ARG A 55 -1.66 -2.34 -28.60
N ALA A 56 -2.05 -3.19 -29.55
CA ALA A 56 -3.33 -2.99 -30.23
C ALA A 56 -4.46 -2.84 -29.23
N HIS A 57 -4.55 -3.77 -28.27
CA HIS A 57 -5.67 -3.74 -27.32
C HIS A 57 -5.62 -2.51 -26.42
N ALA A 58 -4.43 -2.20 -25.91
CA ALA A 58 -4.28 -1.08 -24.98
C ALA A 58 -4.55 0.26 -25.67
N LEU A 59 -4.05 0.43 -26.90
CA LEU A 59 -4.18 1.71 -27.59
C LEU A 59 -5.63 1.97 -27.99
N ALA A 60 -6.40 0.90 -28.22
CA ALA A 60 -7.83 1.07 -28.49
C ALA A 60 -8.55 1.71 -27.29
N ILE A 61 -8.25 1.24 -26.08
CA ILE A 61 -8.81 1.82 -24.87
C ILE A 61 -8.22 3.21 -24.62
N GLY A 62 -6.91 3.36 -24.75
CA GLY A 62 -6.30 4.67 -24.68
C GLY A 62 -6.95 5.68 -25.60
N ASP A 63 -7.28 5.27 -26.83
CA ASP A 63 -7.86 6.24 -27.77
C ASP A 63 -9.27 6.63 -27.36
N ASP A 64 -10.02 5.67 -26.82
CA ASP A 64 -11.37 5.92 -26.34
C ASP A 64 -11.37 6.90 -25.16
N LEU A 65 -10.46 6.70 -24.20
CA LEU A 65 -10.40 7.56 -23.02
C LEU A 65 -9.90 8.97 -23.38
N VAL A 66 -8.87 9.07 -24.24
CA VAL A 66 -8.44 10.41 -24.64
C VAL A 66 -9.52 11.07 -25.48
N GLY A 67 -10.28 10.27 -26.23
CA GLY A 67 -11.34 10.84 -27.05
C GLY A 67 -12.48 11.40 -26.22
N ARG A 68 -12.67 10.88 -25.01
CA ARG A 68 -13.68 11.35 -24.08
C ARG A 68 -13.23 12.57 -23.29
N GLY A 69 -11.99 13.03 -23.43
CA GLY A 69 -11.57 14.27 -22.81
C GLY A 69 -10.87 14.15 -21.47
N VAL A 70 -10.31 12.98 -21.13
CA VAL A 70 -9.53 12.90 -19.90
C VAL A 70 -8.35 13.87 -19.97
N LYS A 71 -7.96 14.41 -18.81
CA LYS A 71 -6.84 15.33 -18.72
C LYS A 71 -5.52 14.61 -18.53
N ALA A 72 -5.55 13.35 -18.18
CA ALA A 72 -4.34 12.57 -17.93
C ALA A 72 -4.69 11.11 -18.13
N LEU A 73 -3.73 10.35 -18.60
CA LEU A 73 -3.96 8.94 -18.89
C LEU A 73 -2.97 8.11 -18.10
N VAL A 74 -3.47 7.15 -17.33
CA VAL A 74 -2.65 6.31 -16.47
C VAL A 74 -2.69 4.89 -17.03
N ILE A 75 -1.53 4.34 -17.37
CA ILE A 75 -1.46 2.96 -17.81
C ILE A 75 -1.13 2.13 -16.57
N ALA A 76 -2.15 1.46 -16.05
CA ALA A 76 -2.01 0.75 -14.79
C ALA A 76 -1.41 -0.63 -14.98
N CYS A 77 -1.49 -1.17 -16.20
CA CYS A 77 -0.98 -2.50 -16.51
C CYS A 77 0.52 -2.45 -16.81
N ASN A 78 1.30 -3.31 -16.18
CA ASN A 78 2.73 -3.33 -16.48
C ASN A 78 3.01 -3.95 -17.84
N SER A 79 2.18 -4.90 -18.27
CA SER A 79 2.35 -5.46 -19.60
C SER A 79 1.99 -4.45 -20.67
N ALA A 80 0.92 -3.69 -20.47
CA ALA A 80 0.56 -2.67 -21.46
C ALA A 80 1.59 -1.54 -21.47
N SER A 81 2.13 -1.19 -20.29
CA SER A 81 3.16 -0.16 -20.24
C SER A 81 4.38 -0.56 -21.06
N SER A 82 4.80 -1.84 -20.97
CA SER A 82 5.90 -2.32 -21.79
C SER A 82 5.59 -2.17 -23.27
N ALA A 83 4.38 -2.53 -23.68
CA ALA A 83 4.08 -2.61 -25.09
C ALA A 83 3.86 -1.26 -25.74
N CYS A 84 3.52 -0.20 -24.99
CA CYS A 84 2.97 0.95 -25.68
C CYS A 84 3.27 2.32 -25.08
N LEU A 85 4.21 2.46 -24.13
CA LEU A 85 4.54 3.80 -23.67
C LEU A 85 5.14 4.64 -24.79
N ARG A 86 6.03 4.04 -25.61
CA ARG A 86 6.63 4.77 -26.74
C ARG A 86 5.55 5.40 -27.61
N ASP A 87 4.62 4.58 -28.09
CA ASP A 87 3.52 5.09 -28.90
C ASP A 87 2.74 6.16 -28.15
N ALA A 88 2.44 5.91 -26.87
CA ALA A 88 1.57 6.81 -26.14
C ALA A 88 2.16 8.20 -25.99
N ARG A 89 3.48 8.29 -25.76
CA ARG A 89 4.12 9.61 -25.66
C ARG A 89 3.81 10.48 -26.88
N GLU A 90 3.90 9.89 -28.07
CA GLU A 90 3.70 10.67 -29.29
C GLU A 90 2.24 10.73 -29.70
N ARG A 91 1.45 9.74 -29.33
CA ARG A 91 0.10 9.64 -29.86
C ARG A 91 -0.87 10.57 -29.16
N TYR A 92 -0.63 10.89 -27.90
CA TYR A 92 -1.56 11.66 -27.08
C TYR A 92 -0.89 12.93 -26.63
N GLN A 93 -1.70 13.98 -26.47
CA GLN A 93 -1.16 15.23 -25.96
C GLN A 93 -1.31 15.36 -24.46
N VAL A 94 -2.21 14.59 -23.86
CA VAL A 94 -2.37 14.59 -22.42
C VAL A 94 -1.14 13.93 -21.79
N PRO A 95 -0.78 14.30 -20.58
CA PRO A 95 0.30 13.58 -19.89
C PRO A 95 -0.10 12.13 -19.65
N VAL A 96 0.87 11.23 -19.78
CA VAL A 96 0.69 9.81 -19.56
C VAL A 96 1.54 9.38 -18.38
N VAL A 97 0.91 8.77 -17.37
CA VAL A 97 1.63 8.11 -16.29
C VAL A 97 1.46 6.62 -16.49
N GLU A 98 2.52 5.87 -16.18
CA GLU A 98 2.47 4.42 -16.29
C GLU A 98 3.21 3.84 -15.07
N VAL A 99 3.36 2.52 -15.04
CA VAL A 99 3.71 1.82 -13.81
C VAL A 99 5.15 1.30 -13.78
N ILE A 100 5.88 1.42 -14.90
CA ILE A 100 7.26 0.95 -14.91
C ILE A 100 8.20 2.02 -14.37
N LEU A 101 8.13 3.23 -14.88
CA LEU A 101 9.15 4.23 -14.57
C LEU A 101 9.12 4.73 -13.14
N PRO A 102 7.94 5.00 -12.52
CA PRO A 102 7.96 5.41 -11.11
C PRO A 102 8.60 4.36 -10.20
N ALA A 103 8.36 3.07 -10.46
CA ALA A 103 9.00 2.03 -9.67
C ALA A 103 10.48 1.97 -9.94
N VAL A 104 10.89 2.13 -11.21
CA VAL A 104 12.31 2.10 -11.55
C VAL A 104 13.06 3.17 -10.76
N ARG A 105 12.51 4.40 -10.76
CA ARG A 105 13.13 5.49 -10.03
C ARG A 105 13.18 5.24 -8.53
N ARG A 106 12.10 4.67 -7.96
CA ARG A 106 12.12 4.34 -6.53
C ARG A 106 13.16 3.27 -6.22
N ALA A 107 13.24 2.23 -7.05
CA ALA A 107 14.16 1.12 -6.81
C ALA A 107 15.62 1.58 -6.85
N VAL A 108 15.96 2.47 -7.79
CA VAL A 108 17.33 2.99 -7.84
C VAL A 108 17.63 3.85 -6.61
N ALA A 109 16.64 4.58 -6.09
CA ALA A 109 16.85 5.37 -4.89
C ALA A 109 16.87 4.52 -3.63
N ALA A 110 16.21 3.37 -3.63
CA ALA A 110 16.02 2.59 -2.41
C ALA A 110 17.08 1.52 -2.19
N THR A 111 17.85 1.16 -3.20
CA THR A 111 18.79 0.05 -3.06
C THR A 111 20.03 0.48 -2.28
N ARG A 112 20.59 -0.47 -1.53
CA ARG A 112 21.79 -0.28 -0.71
C ARG A 112 23.03 -0.90 -1.31
N ASN A 113 22.92 -2.06 -1.96
CA ASN A 113 24.08 -2.70 -2.55
C ASN A 113 24.06 -2.67 -4.07
N GLY A 114 23.03 -2.06 -4.66
CA GLY A 114 22.95 -1.91 -6.09
C GLY A 114 22.39 -3.10 -6.83
N ARG A 115 21.95 -4.14 -6.13
CA ARG A 115 21.45 -5.35 -6.75
C ARG A 115 19.91 -5.34 -6.71
N ILE A 116 19.30 -5.21 -7.89
CA ILE A 116 17.87 -4.98 -8.01
C ILE A 116 17.26 -6.13 -8.82
N GLY A 117 16.12 -6.63 -8.35
CA GLY A 117 15.36 -7.62 -9.06
C GLY A 117 14.04 -7.03 -9.54
N VAL A 118 13.39 -7.76 -10.42
CA VAL A 118 12.04 -7.43 -10.86
C VAL A 118 11.33 -8.70 -11.26
N ILE A 119 10.04 -8.77 -10.95
CA ILE A 119 9.21 -9.88 -11.39
C ILE A 119 7.99 -9.33 -12.13
N GLY A 120 7.48 -10.12 -13.06
CA GLY A 120 6.36 -9.69 -13.86
C GLY A 120 5.87 -10.82 -14.74
N THR A 121 4.88 -10.51 -15.58
CA THR A 121 4.41 -11.49 -16.55
C THR A 121 5.52 -11.82 -17.56
N ARG A 122 5.30 -12.89 -18.33
CA ARG A 122 6.21 -13.24 -19.40
C ARG A 122 6.38 -12.07 -20.37
N ALA A 123 5.26 -11.47 -20.80
CA ALA A 123 5.32 -10.38 -21.77
C ALA A 123 6.06 -9.16 -21.21
N THR A 124 5.85 -8.83 -19.94
CA THR A 124 6.59 -7.71 -19.35
C THR A 124 8.08 -8.01 -19.30
N ILE A 125 8.46 -9.20 -18.81
CA ILE A 125 9.87 -9.52 -18.65
C ILE A 125 10.54 -9.76 -20.01
N THR A 126 9.85 -10.47 -20.92
CA THR A 126 10.42 -10.72 -22.24
C THR A 126 10.66 -9.43 -23.02
N SER A 127 9.91 -8.37 -22.71
CA SER A 127 10.08 -7.11 -23.45
C SER A 127 11.35 -6.37 -23.09
N HIS A 128 11.98 -6.70 -21.97
CA HIS A 128 13.15 -5.98 -21.45
C HIS A 128 12.89 -4.52 -21.13
N ALA A 129 11.63 -4.14 -20.88
CA ALA A 129 11.37 -2.76 -20.48
C ALA A 129 12.12 -2.41 -19.20
N TYR A 130 12.11 -3.31 -18.21
CA TYR A 130 12.82 -3.03 -16.97
C TYR A 130 14.32 -3.11 -17.16
N GLN A 131 14.81 -4.19 -17.80
CA GLN A 131 16.24 -4.32 -18.02
C GLN A 131 16.80 -3.12 -18.75
N ASP A 132 16.11 -2.64 -19.78
CA ASP A 132 16.62 -1.49 -20.54
C ASP A 132 16.47 -0.20 -19.75
N ALA A 133 15.35 -0.02 -19.01
CA ALA A 133 15.16 1.20 -18.24
C ALA A 133 16.18 1.33 -17.11
N PHE A 134 16.66 0.22 -16.58
CA PHE A 134 17.68 0.26 -15.55
C PHE A 134 19.09 0.45 -16.08
N ALA A 135 19.31 0.37 -17.40
CA ALA A 135 20.68 0.44 -17.93
C ALA A 135 21.35 1.77 -17.61
N ALA A 136 20.58 2.83 -17.43
CA ALA A 136 21.18 4.12 -17.10
C ALA A 136 21.62 4.23 -15.64
N ALA A 137 21.38 3.22 -14.83
CA ALA A 137 21.69 3.29 -13.40
C ALA A 137 23.12 2.83 -13.18
N ARG A 138 23.98 3.73 -12.68
CA ARG A 138 25.35 3.34 -12.36
C ARG A 138 25.34 2.28 -11.26
N ASP A 139 26.32 1.39 -11.32
CA ASP A 139 26.63 0.49 -10.21
C ASP A 139 25.45 -0.38 -9.82
N THR A 140 24.58 -0.71 -10.77
CA THR A 140 23.47 -1.61 -10.48
C THR A 140 23.53 -2.82 -11.37
N GLU A 141 23.07 -3.94 -10.82
CA GLU A 141 22.90 -5.18 -11.56
C GLU A 141 21.44 -5.59 -11.44
N ILE A 142 20.80 -5.83 -12.56
CA ILE A 142 19.38 -6.15 -12.62
C ILE A 142 19.22 -7.65 -12.89
N THR A 143 18.30 -8.27 -12.18
CA THR A 143 17.89 -9.65 -12.45
C THR A 143 16.38 -9.63 -12.58
N ALA A 144 15.90 -10.04 -13.75
CA ALA A 144 14.47 -10.03 -14.06
C ALA A 144 13.99 -11.46 -14.23
N VAL A 145 12.82 -11.77 -13.70
CA VAL A 145 12.28 -13.12 -13.67
C VAL A 145 10.77 -13.06 -13.87
N ALA A 146 10.27 -13.81 -14.86
CA ALA A 146 8.83 -13.89 -15.08
C ALA A 146 8.24 -14.90 -14.10
N CYS A 147 7.04 -14.58 -13.60
CA CYS A 147 6.34 -15.39 -12.59
C CYS A 147 4.94 -15.67 -13.08
N PRO A 148 4.80 -16.49 -14.14
CA PRO A 148 3.51 -16.55 -14.86
C PRO A 148 2.32 -16.99 -14.02
N ARG A 149 2.50 -17.87 -13.04
CA ARG A 149 1.32 -18.36 -12.35
C ARG A 149 0.84 -17.42 -11.24
N PHE A 150 1.64 -16.43 -10.85
CA PHE A 150 1.26 -15.53 -9.75
C PHE A 150 -0.11 -14.91 -9.97
N VAL A 151 -0.39 -14.48 -11.21
CA VAL A 151 -1.65 -13.82 -11.55
C VAL A 151 -2.85 -14.74 -11.27
N ASP A 152 -2.74 -16.01 -11.64
CA ASP A 152 -3.87 -16.93 -11.42
C ASP A 152 -4.07 -17.18 -9.93
N PHE A 153 -2.97 -17.28 -9.17
CA PHE A 153 -3.08 -17.54 -7.74
C PHE A 153 -3.70 -16.34 -7.01
N VAL A 154 -3.31 -15.12 -7.37
CA VAL A 154 -3.91 -13.92 -6.79
C VAL A 154 -5.42 -13.90 -7.06
N GLU A 155 -5.83 -14.14 -8.31
CA GLU A 155 -7.25 -14.02 -8.64
C GLU A 155 -8.06 -15.12 -7.97
N ARG A 156 -7.52 -16.33 -7.87
CA ARG A 156 -8.18 -17.40 -7.12
C ARG A 156 -8.08 -17.19 -5.60
N GLY A 157 -7.38 -16.16 -5.14
CA GLY A 157 -7.24 -15.89 -3.73
C GLY A 157 -6.39 -16.88 -2.94
N VAL A 158 -5.36 -17.44 -3.57
CA VAL A 158 -4.46 -18.37 -2.90
C VAL A 158 -3.07 -17.76 -2.77
N THR A 159 -2.85 -16.97 -1.72
CA THR A 159 -1.65 -16.15 -1.62
C THR A 159 -0.86 -16.37 -0.33
N SER A 160 -1.18 -17.39 0.44
CA SER A 160 -0.38 -17.81 1.59
C SER A 160 -0.46 -19.33 1.68
N GLY A 161 0.41 -19.91 2.51
CA GLY A 161 0.45 -21.36 2.66
C GLY A 161 1.55 -22.02 1.83
N ARG A 162 1.60 -23.35 1.96
CA ARG A 162 2.76 -24.10 1.48
C ARG A 162 2.78 -24.24 -0.04
N GLN A 163 1.61 -24.43 -0.67
CA GLN A 163 1.59 -24.60 -2.12
C GLN A 163 2.15 -23.37 -2.80
N VAL A 164 1.57 -22.20 -2.53
CA VAL A 164 2.01 -20.99 -3.21
C VAL A 164 3.39 -20.55 -2.70
N LEU A 165 3.74 -20.89 -1.46
CA LEU A 165 5.09 -20.54 -1.00
C LEU A 165 6.15 -21.29 -1.80
N GLY A 166 5.92 -22.58 -2.06
CA GLY A 166 6.84 -23.33 -2.90
C GLY A 166 6.91 -22.79 -4.32
N LEU A 167 5.76 -22.37 -4.85
CA LEU A 167 5.77 -21.74 -6.18
C LEU A 167 6.68 -20.52 -6.21
N ALA A 168 6.58 -19.66 -5.20
CA ALA A 168 7.39 -18.45 -5.16
C ALA A 168 8.86 -18.76 -4.93
N GLN A 169 9.17 -19.73 -4.05
CA GLN A 169 10.57 -20.10 -3.85
C GLN A 169 11.21 -20.55 -5.17
N GLY A 170 10.48 -21.30 -5.99
CA GLY A 170 10.99 -21.71 -7.29
C GLY A 170 11.17 -20.55 -8.25
N TYR A 171 10.20 -19.63 -8.30
CA TYR A 171 10.33 -18.46 -9.16
C TYR A 171 11.47 -17.54 -8.71
N LEU A 172 11.59 -17.27 -7.41
CA LEU A 172 12.47 -16.23 -6.90
C LEU A 172 13.90 -16.67 -6.69
N GLU A 173 14.20 -17.97 -6.80
CA GLU A 173 15.54 -18.49 -6.53
C GLU A 173 16.63 -17.69 -7.25
N PRO A 174 16.51 -17.36 -8.55
CA PRO A 174 17.57 -16.53 -9.18
C PRO A 174 17.77 -15.17 -8.53
N LEU A 175 16.72 -14.56 -7.96
CA LEU A 175 16.88 -13.28 -7.30
C LEU A 175 17.59 -13.44 -5.96
N GLN A 176 17.28 -14.53 -5.25
CA GLN A 176 18.00 -14.85 -4.02
C GLN A 176 19.48 -15.10 -4.33
N ARG A 177 19.75 -15.91 -5.36
CA ARG A 177 21.13 -16.18 -5.75
C ARG A 177 21.88 -14.90 -6.11
N ALA A 178 21.19 -13.98 -6.80
CA ALA A 178 21.79 -12.71 -7.18
C ALA A 178 21.89 -11.73 -6.01
N GLU A 179 21.38 -12.10 -4.83
CA GLU A 179 21.52 -11.29 -3.62
C GLU A 179 20.91 -9.90 -3.79
N VAL A 180 19.75 -9.83 -4.44
CA VAL A 180 19.09 -8.53 -4.60
C VAL A 180 18.66 -8.04 -3.23
N ASP A 181 18.78 -6.73 -3.00
CA ASP A 181 18.24 -6.11 -1.80
C ASP A 181 17.00 -5.27 -2.11
N THR A 182 16.56 -5.26 -3.37
CA THR A 182 15.41 -4.47 -3.81
C THR A 182 14.70 -5.24 -4.90
N LEU A 183 13.38 -5.28 -4.84
CA LEU A 183 12.58 -6.11 -5.74
C LEU A 183 11.36 -5.32 -6.21
N VAL A 184 11.25 -5.15 -7.52
CA VAL A 184 10.11 -4.42 -8.10
C VAL A 184 8.98 -5.39 -8.37
N LEU A 185 7.80 -5.08 -7.85
CA LEU A 185 6.61 -5.90 -8.08
C LEU A 185 5.98 -5.44 -9.38
N GLY A 186 6.50 -5.94 -10.50
CA GLY A 186 6.20 -5.35 -11.79
C GLY A 186 4.96 -5.91 -12.45
N CYS A 187 3.85 -5.95 -11.71
CA CYS A 187 2.60 -6.53 -12.17
C CYS A 187 1.48 -6.01 -11.29
N THR A 188 0.30 -5.79 -11.90
CA THR A 188 -0.85 -5.25 -11.16
C THR A 188 -1.25 -6.14 -10.00
N HIS A 189 -1.02 -7.45 -10.12
CA HIS A 189 -1.54 -8.40 -9.13
C HIS A 189 -0.63 -8.59 -7.93
N TYR A 190 0.68 -8.29 -8.06
CA TYR A 190 1.69 -8.71 -7.09
C TYR A 190 1.68 -8.00 -5.73
N PRO A 191 1.07 -6.81 -5.55
CA PRO A 191 0.96 -6.29 -4.17
C PRO A 191 0.16 -7.19 -3.25
N LEU A 192 -0.75 -8.02 -3.79
CA LEU A 192 -1.50 -8.97 -2.98
C LEU A 192 -0.66 -10.17 -2.57
N LEU A 193 0.60 -10.21 -3.01
CA LEU A 193 1.55 -11.25 -2.66
C LEU A 193 2.72 -10.70 -1.88
N SER A 194 2.68 -9.44 -1.44
CA SER A 194 3.86 -8.83 -0.85
C SER A 194 4.24 -9.52 0.47
N GLY A 195 3.26 -9.93 1.27
CA GLY A 195 3.58 -10.72 2.46
C GLY A 195 4.27 -12.03 2.11
N LEU A 196 3.70 -12.76 1.16
CA LEU A 196 4.27 -14.04 0.74
C LEU A 196 5.67 -13.85 0.14
N ILE A 197 5.83 -12.86 -0.75
CA ILE A 197 7.12 -12.62 -1.37
C ILE A 197 8.16 -12.15 -0.36
N GLN A 198 7.73 -11.38 0.65
CA GLN A 198 8.65 -10.89 1.68
C GLN A 198 9.17 -12.04 2.55
N LEU A 199 8.27 -12.99 2.86
CA LEU A 199 8.68 -14.19 3.59
C LEU A 199 9.68 -14.99 2.79
N ALA A 200 9.49 -15.10 1.48
CA ALA A 200 10.45 -15.82 0.65
C ALA A 200 11.80 -15.13 0.64
N MET A 201 11.81 -13.81 0.40
CA MET A 201 13.04 -13.05 0.16
C MET A 201 13.79 -12.65 1.43
N GLY A 202 13.17 -12.72 2.60
CA GLY A 202 13.81 -12.30 3.84
C GLY A 202 13.64 -10.81 4.12
N GLU A 203 13.99 -10.43 5.36
CA GLU A 203 13.67 -9.11 5.86
C GLU A 203 14.45 -7.99 5.15
N ASN A 204 15.59 -8.31 4.56
CA ASN A 204 16.45 -7.24 4.05
C ASN A 204 16.01 -6.69 2.69
N VAL A 205 15.07 -7.33 2.00
CA VAL A 205 14.74 -6.99 0.62
C VAL A 205 13.61 -5.96 0.60
N THR A 206 13.85 -4.80 0.00
CA THR A 206 12.81 -3.78 -0.11
C THR A 206 11.94 -4.06 -1.33
N LEU A 207 10.65 -4.31 -1.10
CA LEU A 207 9.69 -4.51 -2.18
C LEU A 207 9.13 -3.16 -2.62
N VAL A 208 8.96 -2.99 -3.93
CA VAL A 208 8.47 -1.74 -4.50
C VAL A 208 7.18 -2.04 -5.26
N SER A 209 6.08 -1.41 -4.83
CA SER A 209 4.77 -1.62 -5.44
C SER A 209 4.59 -0.66 -6.63
N SER A 210 4.19 -1.20 -7.79
CA SER A 210 3.87 -0.31 -8.91
C SER A 210 2.71 0.61 -8.57
N ALA A 211 1.69 0.07 -7.92
CA ALA A 211 0.49 0.84 -7.60
C ALA A 211 0.84 2.04 -6.72
N GLU A 212 1.64 1.83 -5.69
CA GLU A 212 1.98 2.90 -4.74
C GLU A 212 2.77 4.01 -5.41
N GLU A 213 3.85 3.65 -6.13
CA GLU A 213 4.70 4.66 -6.76
C GLU A 213 3.94 5.41 -7.85
N THR A 214 3.11 4.71 -8.62
CA THR A 214 2.37 5.38 -9.68
C THR A 214 1.35 6.36 -9.11
N ALA A 215 0.66 6.00 -8.03
CA ALA A 215 -0.31 6.92 -7.43
C ALA A 215 0.37 8.17 -6.89
N LYS A 216 1.55 8.02 -6.25
CA LYS A 216 2.30 9.20 -5.81
C LYS A 216 2.75 10.05 -6.98
N GLU A 217 3.01 9.43 -8.13
CA GLU A 217 3.43 10.15 -9.33
C GLU A 217 2.27 10.92 -9.95
N VAL A 218 1.05 10.34 -9.92
CA VAL A 218 -0.13 11.06 -10.39
C VAL A 218 -0.36 12.32 -9.55
N VAL A 219 -0.12 12.22 -8.23
CA VAL A 219 -0.23 13.39 -7.36
C VAL A 219 0.77 14.46 -7.79
N ARG A 220 2.02 14.04 -8.03
CA ARG A 220 3.05 14.99 -8.43
C ARG A 220 2.70 15.63 -9.78
N VAL A 221 2.32 14.83 -10.77
CA VAL A 221 2.08 15.33 -12.12
C VAL A 221 0.91 16.32 -12.13
N LEU A 222 -0.21 15.97 -11.49
CA LEU A 222 -1.35 16.90 -11.47
C LEU A 222 -1.04 18.16 -10.67
N THR A 223 -0.18 18.06 -9.65
CA THR A 223 0.15 19.26 -8.88
C THR A 223 0.99 20.22 -9.71
N GLU A 224 2.00 19.70 -10.40
CA GLU A 224 2.94 20.58 -11.09
C GLU A 224 2.35 21.22 -12.34
N ILE A 225 1.45 20.53 -13.05
CA ILE A 225 0.82 21.16 -14.22
C ILE A 225 -0.47 21.87 -13.83
N ASP A 226 -0.74 21.96 -12.52
CA ASP A 226 -1.82 22.77 -11.97
C ASP A 226 -3.20 22.35 -12.51
N LEU A 227 -3.47 21.03 -12.45
CA LEU A 227 -4.74 20.49 -12.95
C LEU A 227 -5.45 19.62 -11.91
N LEU A 228 -5.20 19.86 -10.63
CA LEU A 228 -5.94 19.17 -9.57
C LEU A 228 -7.41 19.61 -9.56
N ARG A 229 -8.31 18.63 -9.53
CA ARG A 229 -9.75 18.94 -9.43
C ARG A 229 -10.06 19.47 -8.03
N PRO A 230 -10.74 20.62 -7.91
CA PRO A 230 -10.82 21.30 -6.62
C PRO A 230 -11.64 20.54 -5.57
N HIS A 231 -11.26 20.74 -4.31
CA HIS A 231 -11.99 20.15 -3.21
C HIS A 231 -13.43 20.67 -3.13
N ASP A 232 -13.68 21.90 -3.55
CA ASP A 232 -15.03 22.43 -3.51
C ASP A 232 -15.84 22.16 -4.77
N ALA A 233 -15.29 21.44 -5.72
CA ALA A 233 -16.07 20.96 -6.84
C ALA A 233 -17.12 19.97 -6.31
N PRO A 234 -18.12 19.62 -7.13
CA PRO A 234 -19.11 18.61 -6.71
C PRO A 234 -18.44 17.30 -6.34
N PRO A 235 -19.18 16.40 -5.69
CA PRO A 235 -18.64 15.06 -5.39
C PRO A 235 -18.04 14.38 -6.61
N ALA A 236 -16.87 13.79 -6.42
CA ALA A 236 -16.19 13.09 -7.50
C ALA A 236 -17.03 11.94 -8.03
N THR A 237 -16.95 11.74 -9.35
CA THR A 237 -17.63 10.64 -10.04
C THR A 237 -16.58 9.63 -10.47
N ARG A 238 -16.83 8.36 -10.21
CA ARG A 238 -15.90 7.30 -10.58
C ARG A 238 -16.62 6.23 -11.36
N ILE A 239 -16.19 6.01 -12.60
CA ILE A 239 -16.84 5.14 -13.56
C ILE A 239 -15.94 3.95 -13.83
N PHE A 240 -16.50 2.74 -13.76
CA PHE A 240 -15.75 1.53 -14.00
C PHE A 240 -16.41 0.76 -15.14
N GLU A 241 -15.63 0.43 -16.17
CA GLU A 241 -16.10 -0.21 -17.38
C GLU A 241 -15.24 -1.42 -17.67
N ALA A 242 -15.86 -2.42 -18.27
CA ALA A 242 -15.17 -3.63 -18.67
C ALA A 242 -15.44 -3.88 -20.15
N THR A 243 -14.43 -4.33 -20.87
CA THR A 243 -14.68 -4.72 -22.25
C THR A 243 -15.29 -6.11 -22.37
N GLY A 244 -15.18 -6.93 -21.32
CA GLY A 244 -15.84 -8.22 -21.26
C GLY A 244 -17.05 -8.20 -20.34
N ASP A 245 -17.43 -9.39 -19.88
CA ASP A 245 -18.62 -9.61 -19.06
C ASP A 245 -18.60 -8.72 -17.83
N PRO A 246 -19.49 -7.72 -17.76
CA PRO A 246 -19.46 -6.79 -16.61
C PRO A 246 -19.75 -7.46 -15.29
N GLU A 247 -20.58 -8.51 -15.30
CA GLU A 247 -20.89 -9.21 -14.06
C GLU A 247 -19.69 -10.00 -13.57
N ALA A 248 -18.97 -10.65 -14.50
CA ALA A 248 -17.75 -11.35 -14.12
C ALA A 248 -16.70 -10.38 -13.59
N PHE A 249 -16.64 -9.17 -14.16
CA PHE A 249 -15.73 -8.13 -13.66
C PHE A 249 -16.09 -7.72 -12.23
N THR A 250 -17.38 -7.48 -11.99
CA THR A 250 -17.85 -7.08 -10.67
C THR A 250 -17.51 -8.12 -9.61
N LYS A 251 -17.68 -9.40 -9.94
CA LYS A 251 -17.38 -10.47 -8.98
C LYS A 251 -15.90 -10.49 -8.61
N LEU A 252 -15.02 -10.43 -9.62
CA LEU A 252 -13.59 -10.52 -9.37
C LEU A 252 -13.03 -9.25 -8.74
N ALA A 253 -13.68 -8.10 -8.98
CA ALA A 253 -13.19 -6.84 -8.45
C ALA A 253 -13.19 -6.83 -6.93
N ALA A 254 -14.04 -7.66 -6.32
CA ALA A 254 -14.10 -7.70 -4.87
C ALA A 254 -12.77 -8.16 -4.29
N ARG A 255 -11.99 -8.93 -5.07
CA ARG A 255 -10.69 -9.42 -4.63
C ARG A 255 -9.65 -8.30 -4.51
N PHE A 256 -9.78 -7.26 -5.34
CA PHE A 256 -8.81 -6.18 -5.43
C PHE A 256 -9.25 -4.90 -4.74
N LEU A 257 -10.56 -4.68 -4.57
CA LEU A 257 -11.05 -3.48 -3.88
C LEU A 257 -11.07 -3.60 -2.36
N SER B 1 -4.13 -19.04 26.29
CA SER B 1 -4.15 -19.69 24.99
C SER B 1 -3.20 -19.03 24.00
N HIS B 2 -1.97 -19.51 23.92
CA HIS B 2 -1.16 -19.12 22.78
C HIS B 2 -1.87 -19.53 21.49
N MET B 3 -2.26 -20.81 21.35
CA MET B 3 -2.74 -21.36 20.08
C MET B 3 -4.24 -21.67 20.13
N ASN B 4 -5.03 -20.81 19.47
CA ASN B 4 -6.43 -21.10 19.23
C ASN B 4 -6.59 -21.84 17.91
N SER B 5 -7.82 -22.14 17.53
CA SER B 5 -8.04 -22.83 16.26
C SER B 5 -7.72 -21.92 15.07
N PRO B 6 -7.19 -22.48 13.97
CA PRO B 6 -7.01 -21.66 12.77
C PRO B 6 -8.31 -21.04 12.28
N LEU B 7 -9.46 -21.60 12.63
CA LEU B 7 -10.75 -21.03 12.28
C LEU B 7 -11.16 -19.85 13.16
N ALA B 8 -10.44 -19.61 14.25
CA ALA B 8 -10.71 -18.43 15.06
C ALA B 8 -10.35 -17.17 14.28
N PRO B 9 -11.00 -16.05 14.59
CA PRO B 9 -10.73 -14.82 13.84
C PRO B 9 -9.49 -14.08 14.32
N VAL B 10 -9.01 -13.18 13.45
CA VAL B 10 -7.96 -12.22 13.81
C VAL B 10 -8.65 -10.95 14.29
N GLY B 11 -8.26 -10.49 15.48
CA GLY B 11 -8.78 -9.25 16.03
C GLY B 11 -7.90 -8.09 15.62
N VAL B 12 -8.52 -7.02 15.16
CA VAL B 12 -7.81 -5.78 14.81
C VAL B 12 -8.54 -4.64 15.51
N PHE B 13 -7.79 -3.73 16.12
CA PHE B 13 -8.48 -2.58 16.70
C PHE B 13 -7.62 -1.33 16.61
N ASP B 14 -8.29 -0.20 16.74
CA ASP B 14 -7.74 1.11 16.40
C ASP B 14 -8.52 2.15 17.20
N SER B 15 -7.97 3.36 17.23
CA SER B 15 -8.65 4.50 17.85
C SER B 15 -9.95 4.88 17.13
N GLY B 16 -10.12 4.47 15.88
CA GLY B 16 -11.34 4.82 15.18
C GLY B 16 -11.46 4.20 13.81
N VAL B 17 -11.48 5.06 12.79
CA VAL B 17 -11.64 4.56 11.42
C VAL B 17 -10.32 4.47 10.67
N GLY B 18 -9.27 5.17 11.13
CA GLY B 18 -8.02 5.20 10.38
C GLY B 18 -7.31 3.86 10.30
N GLY B 19 -7.48 3.02 11.33
CA GLY B 19 -6.90 1.68 11.30
C GLY B 19 -7.48 0.79 10.22
N LEU B 20 -8.52 1.23 9.52
CA LEU B 20 -8.95 0.47 8.35
C LEU B 20 -7.86 0.34 7.29
N THR B 21 -6.89 1.28 7.23
CA THR B 21 -5.80 1.08 6.29
C THR B 21 -4.99 -0.15 6.65
N VAL B 22 -4.83 -0.44 7.95
CA VAL B 22 -4.14 -1.65 8.36
C VAL B 22 -5.02 -2.88 8.12
N ALA B 23 -6.32 -2.77 8.41
CA ALA B 23 -7.20 -3.93 8.22
C ALA B 23 -7.39 -4.26 6.74
N ARG B 24 -7.47 -3.24 5.89
CA ARG B 24 -7.55 -3.48 4.45
C ARG B 24 -6.27 -4.14 3.93
N ALA B 25 -5.12 -3.71 4.44
CA ALA B 25 -3.87 -4.31 4.01
C ALA B 25 -3.77 -5.76 4.48
N ILE B 26 -4.29 -6.06 5.66
CA ILE B 26 -4.32 -7.45 6.12
C ILE B 26 -5.25 -8.28 5.22
N ILE B 27 -6.45 -7.75 4.95
CA ILE B 27 -7.41 -8.50 4.16
C ILE B 27 -6.88 -8.70 2.74
N ASP B 28 -6.23 -7.67 2.17
CA ASP B 28 -5.52 -7.85 0.90
C ASP B 28 -4.63 -9.08 0.92
N GLN B 29 -3.76 -9.20 1.95
CA GLN B 29 -2.80 -10.31 2.01
C GLN B 29 -3.49 -11.64 2.32
N LEU B 30 -4.54 -11.61 3.14
CA LEU B 30 -5.09 -12.80 3.78
C LEU B 30 -6.59 -12.85 3.53
N PRO B 31 -7.01 -13.18 2.31
CA PRO B 31 -8.46 -13.16 2.00
C PRO B 31 -9.26 -14.25 2.70
N ASP B 32 -8.64 -15.29 3.26
CA ASP B 32 -9.39 -16.35 3.91
C ASP B 32 -9.39 -16.26 5.44
N GLU B 33 -8.95 -15.14 6.01
CA GLU B 33 -8.96 -14.97 7.45
C GLU B 33 -10.24 -14.26 7.88
N ASP B 34 -10.90 -14.81 8.90
CA ASP B 34 -11.97 -14.11 9.58
C ASP B 34 -11.39 -12.90 10.31
N ILE B 35 -12.09 -11.76 10.24
CA ILE B 35 -11.61 -10.51 10.83
C ILE B 35 -12.71 -9.96 11.73
N VAL B 36 -12.33 -9.56 12.94
CA VAL B 36 -13.16 -8.68 13.74
C VAL B 36 -12.39 -7.39 13.97
N TYR B 37 -12.94 -6.29 13.47
CA TYR B 37 -12.33 -4.97 13.63
C TYR B 37 -13.19 -4.15 14.59
N VAL B 38 -12.54 -3.48 15.55
CA VAL B 38 -13.21 -2.54 16.43
C VAL B 38 -12.46 -1.22 16.40
N GLY B 39 -13.18 -0.15 16.10
CA GLY B 39 -12.58 1.16 16.04
C GLY B 39 -13.22 2.01 17.10
N ASP B 40 -12.39 2.61 17.96
CA ASP B 40 -12.83 3.27 19.18
C ASP B 40 -13.35 4.68 18.91
N THR B 41 -14.24 4.84 17.94
CA THR B 41 -14.74 6.17 17.63
C THR B 41 -15.48 6.81 18.78
N GLY B 42 -15.91 6.02 19.77
CA GLY B 42 -16.60 6.59 20.92
C GLY B 42 -15.70 7.28 21.93
N ASN B 43 -14.39 7.07 21.83
CA ASN B 43 -13.42 7.71 22.72
C ASN B 43 -12.29 8.42 22.00
N GLY B 44 -12.17 8.29 20.68
CA GLY B 44 -11.11 8.96 19.95
C GLY B 44 -11.36 10.43 19.71
N PRO B 45 -10.37 11.15 19.14
CA PRO B 45 -9.05 10.64 18.74
C PRO B 45 -8.09 10.42 19.91
N TYR B 46 -7.16 9.46 19.77
CA TYR B 46 -6.15 9.22 20.79
C TYR B 46 -4.99 10.20 20.72
N GLY B 47 -4.70 10.73 19.52
CA GLY B 47 -3.64 11.66 19.27
C GLY B 47 -3.37 12.70 20.36
N PRO B 48 -4.39 13.44 20.78
CA PRO B 48 -4.19 14.46 21.82
C PRO B 48 -4.28 13.98 23.27
N LEU B 49 -4.39 12.68 23.54
CA LEU B 49 -4.61 12.22 24.90
C LEU B 49 -3.27 11.97 25.62
N THR B 50 -3.35 11.59 26.89
CA THR B 50 -2.16 11.12 27.59
C THR B 50 -2.02 9.62 27.44
N ILE B 51 -0.79 9.15 27.69
CA ILE B 51 -0.52 7.71 27.62
C ILE B 51 -1.47 6.91 28.50
N PRO B 52 -1.67 7.23 29.79
CA PRO B 52 -2.61 6.41 30.58
C PRO B 52 -4.04 6.45 30.05
N GLU B 53 -4.48 7.58 29.49
CA GLU B 53 -5.83 7.60 28.93
C GLU B 53 -5.92 6.70 27.72
N ILE B 54 -4.93 6.75 26.83
CA ILE B 54 -4.94 5.88 25.66
C ILE B 54 -4.92 4.42 26.08
N ARG B 55 -4.06 4.09 27.04
CA ARG B 55 -3.91 2.68 27.43
C ARG B 55 -5.23 2.11 27.91
N ALA B 56 -5.93 2.87 28.77
CA ALA B 56 -7.18 2.39 29.35
C ALA B 56 -8.23 2.17 28.29
N HIS B 57 -8.31 3.08 27.31
CA HIS B 57 -9.26 2.93 26.19
C HIS B 57 -8.92 1.69 25.36
N ALA B 58 -7.65 1.54 25.01
CA ALA B 58 -7.23 0.47 24.12
C ALA B 58 -7.42 -0.90 24.77
N LEU B 59 -7.01 -1.03 26.04
CA LEU B 59 -7.09 -2.33 26.71
C LEU B 59 -8.53 -2.77 26.89
N ALA B 60 -9.46 -1.84 27.07
CA ALA B 60 -10.86 -2.19 27.11
C ALA B 60 -11.31 -2.89 25.82
N ILE B 61 -10.71 -2.54 24.67
CA ILE B 61 -11.10 -3.21 23.42
C ILE B 61 -10.31 -4.50 23.23
N GLY B 62 -9.01 -4.49 23.52
CA GLY B 62 -8.26 -5.73 23.49
C GLY B 62 -8.91 -6.80 24.35
N ASP B 63 -9.42 -6.40 25.52
CA ASP B 63 -10.08 -7.33 26.43
C ASP B 63 -11.29 -7.98 25.78
N ASP B 64 -12.10 -7.18 25.09
CA ASP B 64 -13.27 -7.70 24.37
C ASP B 64 -12.83 -8.67 23.27
N LEU B 65 -11.90 -8.24 22.41
CA LEU B 65 -11.50 -9.09 21.29
C LEU B 65 -10.94 -10.44 21.78
N VAL B 66 -10.08 -10.40 22.79
CA VAL B 66 -9.50 -11.64 23.33
C VAL B 66 -10.58 -12.53 23.89
N GLY B 67 -11.58 -11.93 24.56
CA GLY B 67 -12.66 -12.70 25.14
C GLY B 67 -13.58 -13.29 24.11
N ARG B 68 -13.53 -12.79 22.89
CA ARG B 68 -14.28 -13.39 21.80
C ARG B 68 -13.56 -14.58 21.19
N GLY B 69 -12.35 -14.86 21.64
CA GLY B 69 -11.62 -16.02 21.15
C GLY B 69 -10.74 -15.78 19.95
N VAL B 70 -10.38 -14.53 19.65
CA VAL B 70 -9.46 -14.31 18.53
C VAL B 70 -8.19 -15.11 18.76
N LYS B 71 -7.60 -15.57 17.66
CA LYS B 71 -6.31 -16.27 17.71
C LYS B 71 -5.10 -15.33 17.64
N ALA B 72 -5.31 -14.07 17.28
CA ALA B 72 -4.22 -13.08 17.23
C ALA B 72 -4.83 -11.70 17.39
N LEU B 73 -4.04 -10.79 17.93
CA LEU B 73 -4.49 -9.43 18.18
C LEU B 73 -3.58 -8.48 17.44
N VAL B 74 -4.16 -7.61 16.62
CA VAL B 74 -3.42 -6.59 15.89
C VAL B 74 -3.79 -5.21 16.44
N ILE B 75 -2.82 -4.52 17.03
CA ILE B 75 -3.03 -3.14 17.46
C ILE B 75 -2.69 -2.28 16.25
N ALA B 76 -3.73 -1.78 15.57
CA ALA B 76 -3.51 -1.07 14.31
C ALA B 76 -3.13 0.37 14.53
N CYS B 77 -3.32 0.89 15.74
CA CYS B 77 -3.13 2.30 16.05
C CYS B 77 -1.75 2.54 16.65
N ASN B 78 -1.00 3.46 16.04
CA ASN B 78 0.35 3.80 16.49
C ASN B 78 0.33 4.48 17.85
N SER B 79 -0.67 5.32 18.10
CA SER B 79 -0.82 5.90 19.43
C SER B 79 -1.09 4.82 20.45
N ALA B 80 -1.97 3.87 20.10
CA ALA B 80 -2.32 2.82 21.04
C ALA B 80 -1.14 1.86 21.27
N SER B 81 -0.38 1.53 20.23
CA SER B 81 0.78 0.66 20.42
C SER B 81 1.81 1.32 21.33
N SER B 82 2.00 2.64 21.18
CA SER B 82 2.90 3.38 22.04
C SER B 82 2.49 3.26 23.50
N ALA B 83 1.19 3.25 23.77
CA ALA B 83 0.72 3.36 25.14
C ALA B 83 0.59 2.00 25.84
N CYS B 84 0.30 0.93 25.12
CA CYS B 84 -0.14 -0.28 25.80
C CYS B 84 0.54 -1.56 25.36
N LEU B 85 1.45 -1.52 24.38
CA LEU B 85 2.07 -2.76 23.90
C LEU B 85 2.72 -3.51 25.05
N ARG B 86 3.44 -2.79 25.91
CA ARG B 86 4.06 -3.37 27.08
C ARG B 86 3.04 -4.12 27.93
N ASP B 87 1.90 -3.49 28.21
CA ASP B 87 0.83 -4.16 28.97
C ASP B 87 0.30 -5.37 28.23
N ALA B 88 0.19 -5.26 26.91
CA ALA B 88 -0.46 -6.33 26.14
C ALA B 88 0.37 -7.59 26.14
N ARG B 89 1.70 -7.48 26.26
CA ARG B 89 2.55 -8.68 26.26
C ARG B 89 2.20 -9.61 27.41
N GLU B 90 1.95 -9.02 28.60
CA GLU B 90 1.60 -9.78 29.79
C GLU B 90 0.10 -10.05 29.89
N ARG B 91 -0.73 -9.13 29.40
CA ARG B 91 -2.16 -9.25 29.60
C ARG B 91 -2.76 -10.31 28.68
N TYR B 92 -2.26 -10.43 27.46
CA TYR B 92 -2.81 -11.32 26.45
C TYR B 92 -1.80 -12.43 26.14
N GLN B 93 -2.29 -13.64 25.96
CA GLN B 93 -1.41 -14.75 25.61
C GLN B 93 -1.43 -15.11 24.13
N VAL B 94 -2.44 -14.69 23.38
CA VAL B 94 -2.43 -14.91 21.94
C VAL B 94 -1.33 -14.06 21.34
N PRO B 95 -0.85 -14.37 20.13
CA PRO B 95 0.15 -13.50 19.50
C PRO B 95 -0.37 -12.07 19.34
N VAL B 96 0.49 -11.10 19.64
CA VAL B 96 0.17 -9.68 19.49
C VAL B 96 1.09 -9.08 18.44
N VAL B 97 0.49 -8.51 17.40
CA VAL B 97 1.21 -7.79 16.36
C VAL B 97 0.73 -6.35 16.41
N GLU B 98 1.64 -5.41 16.16
CA GLU B 98 1.28 -4.01 16.21
C GLU B 98 2.07 -3.27 15.11
N VAL B 99 1.96 -1.95 15.09
CA VAL B 99 2.39 -1.17 13.95
C VAL B 99 3.70 -0.43 14.16
N ILE B 100 4.27 -0.42 15.35
CA ILE B 100 5.55 0.29 15.54
C ILE B 100 6.72 -0.59 15.15
N LEU B 101 6.76 -1.84 15.64
CA LEU B 101 7.96 -2.66 15.47
C LEU B 101 8.21 -3.09 14.02
N PRO B 102 7.24 -3.59 13.25
CA PRO B 102 7.56 -3.94 11.86
C PRO B 102 8.11 -2.78 11.05
N ALA B 103 7.58 -1.57 11.26
CA ALA B 103 8.08 -0.45 10.48
C ALA B 103 9.47 -0.02 10.96
N VAL B 104 9.76 -0.17 12.25
CA VAL B 104 11.10 0.10 12.76
C VAL B 104 12.12 -0.81 12.09
N ARG B 105 11.82 -2.11 12.03
CA ARG B 105 12.74 -3.06 11.42
C ARG B 105 12.94 -2.77 9.95
N ARG B 106 11.86 -2.45 9.24
CA ARG B 106 11.95 -2.05 7.83
C ARG B 106 12.82 -0.82 7.66
N ALA B 107 12.55 0.22 8.46
CA ALA B 107 13.29 1.47 8.36
C ALA B 107 14.79 1.24 8.55
N VAL B 108 15.16 0.46 9.56
CA VAL B 108 16.56 0.14 9.82
C VAL B 108 17.20 -0.54 8.61
N ALA B 109 16.45 -1.43 7.94
CA ALA B 109 17.01 -2.11 6.78
C ALA B 109 17.02 -1.23 5.53
N ALA B 110 16.11 -0.27 5.42
CA ALA B 110 15.97 0.45 4.17
C ALA B 110 16.83 1.70 4.07
N THR B 111 17.32 2.22 5.18
CA THR B 111 18.10 3.46 5.14
C THR B 111 19.46 3.24 4.49
N ARG B 112 19.93 4.25 3.76
CA ARG B 112 21.28 4.22 3.20
C ARG B 112 22.27 5.06 4.00
N ASN B 113 21.86 6.22 4.51
CA ASN B 113 22.77 7.11 5.20
C ASN B 113 22.61 7.06 6.71
N GLY B 114 21.79 6.15 7.23
CA GLY B 114 21.59 6.03 8.65
C GLY B 114 20.74 7.11 9.28
N ARG B 115 20.09 7.96 8.50
CA ARG B 115 19.28 9.06 9.06
C ARG B 115 17.79 8.77 8.87
N ILE B 116 17.10 8.48 9.97
CA ILE B 116 15.73 8.01 9.91
C ILE B 116 14.81 9.03 10.57
N GLY B 117 13.72 9.36 9.87
CA GLY B 117 12.68 10.21 10.40
C GLY B 117 11.42 9.42 10.73
N VAL B 118 10.64 9.93 11.68
CA VAL B 118 9.32 9.38 11.99
C VAL B 118 8.39 10.55 12.29
N ILE B 119 7.14 10.43 11.82
CA ILE B 119 6.09 11.39 12.13
C ILE B 119 4.91 10.66 12.76
N GLY B 120 4.18 11.36 13.62
CA GLY B 120 3.00 10.75 14.21
C GLY B 120 2.22 11.76 15.04
N THR B 121 1.24 11.26 15.78
CA THR B 121 0.48 12.11 16.69
C THR B 121 1.39 12.65 17.80
N ARG B 122 0.87 13.65 18.52
CA ARG B 122 1.59 14.17 19.68
C ARG B 122 1.81 13.09 20.72
N ALA B 123 0.79 12.24 20.97
CA ALA B 123 0.95 11.16 21.94
C ALA B 123 2.05 10.19 21.53
N THR B 124 2.03 9.73 20.28
CA THR B 124 3.04 8.81 19.80
C THR B 124 4.44 9.39 19.93
N ILE B 125 4.64 10.62 19.48
CA ILE B 125 5.97 11.22 19.44
C ILE B 125 6.48 11.54 20.84
N THR B 126 5.62 12.15 21.67
CA THR B 126 6.09 12.55 22.99
C THR B 126 6.24 11.35 23.90
N SER B 127 5.67 10.19 23.56
CA SER B 127 5.97 9.00 24.34
C SER B 127 7.40 8.49 24.12
N HIS B 128 8.09 8.97 23.08
CA HIS B 128 9.42 8.48 22.69
C HIS B 128 9.44 6.97 22.40
N ALA B 129 8.29 6.38 22.05
CA ALA B 129 8.27 4.96 21.67
C ALA B 129 9.16 4.68 20.46
N TYR B 130 9.11 5.52 19.42
CA TYR B 130 10.01 5.34 18.29
C TYR B 130 11.46 5.67 18.64
N GLN B 131 11.69 6.80 19.33
CA GLN B 131 13.05 7.17 19.69
C GLN B 131 13.71 6.07 20.50
N ASP B 132 12.97 5.43 21.41
CA ASP B 132 13.56 4.38 22.24
C ASP B 132 13.68 3.06 21.48
N ALA B 133 12.70 2.74 20.63
CA ALA B 133 12.77 1.52 19.85
C ALA B 133 13.97 1.53 18.90
N PHE B 134 14.36 2.70 18.41
CA PHE B 134 15.49 2.81 17.51
C PHE B 134 16.84 2.80 18.23
N ALA B 135 16.85 2.80 19.56
CA ALA B 135 18.12 2.96 20.29
C ALA B 135 19.12 1.85 20.00
N ALA B 136 18.64 0.63 19.73
CA ALA B 136 19.49 -0.52 19.42
C ALA B 136 20.06 -0.50 18.01
N ALA B 137 19.72 0.49 17.19
CA ALA B 137 20.13 0.47 15.80
C ALA B 137 21.41 1.27 15.70
N ARG B 138 22.53 0.58 15.53
CA ARG B 138 23.81 1.26 15.55
C ARG B 138 23.98 2.12 14.30
N ASP B 139 24.67 3.25 14.47
CA ASP B 139 24.98 4.17 13.37
C ASP B 139 23.71 4.73 12.73
N THR B 140 22.67 4.96 13.52
CA THR B 140 21.48 5.65 13.04
C THR B 140 21.24 6.90 13.86
N GLU B 141 20.63 7.89 13.23
CA GLU B 141 20.21 9.10 13.91
C GLU B 141 18.73 9.31 13.62
N ILE B 142 17.93 9.45 14.68
CA ILE B 142 16.48 9.49 14.60
C ILE B 142 16.00 10.93 14.77
N THR B 143 15.08 11.35 13.90
CA THR B 143 14.40 12.63 14.03
C THR B 143 12.89 12.39 14.04
N ALA B 144 12.23 12.77 15.11
CA ALA B 144 10.81 12.51 15.31
C ALA B 144 10.05 13.83 15.40
N VAL B 145 8.90 13.90 14.72
CA VAL B 145 8.13 15.13 14.60
C VAL B 145 6.64 14.80 14.72
N ALA B 146 5.95 15.48 15.63
CA ALA B 146 4.49 15.35 15.70
C ALA B 146 3.84 16.17 14.59
N CYS B 147 2.81 15.61 13.94
CA CYS B 147 2.11 16.25 12.81
C CYS B 147 0.62 16.30 13.10
N PRO B 148 0.22 17.13 14.08
CA PRO B 148 -1.14 16.96 14.66
C PRO B 148 -2.30 17.15 13.69
N ARG B 149 -2.19 18.05 12.72
CA ARG B 149 -3.28 18.31 11.79
C ARG B 149 -3.45 17.24 10.73
N PHE B 150 -2.46 16.35 10.53
CA PHE B 150 -2.53 15.40 9.41
C PHE B 150 -3.76 14.51 9.49
N VAL B 151 -4.17 14.14 10.71
CA VAL B 151 -5.29 13.21 10.88
C VAL B 151 -6.59 13.83 10.40
N ASP B 152 -6.91 15.05 10.87
CA ASP B 152 -8.18 15.62 10.42
C ASP B 152 -8.12 16.02 8.94
N PHE B 153 -6.94 16.39 8.42
CA PHE B 153 -6.84 16.64 6.99
C PHE B 153 -7.19 15.39 6.18
N VAL B 154 -6.60 14.25 6.56
CA VAL B 154 -6.93 13.00 5.88
C VAL B 154 -8.43 12.69 6.02
N GLU B 155 -8.98 12.85 7.23
CA GLU B 155 -10.35 12.41 7.45
C GLU B 155 -11.36 13.28 6.72
N ARG B 156 -11.09 14.58 6.57
CA ARG B 156 -11.98 15.47 5.83
C ARG B 156 -11.64 15.54 4.34
N GLY B 157 -10.71 14.69 3.88
CA GLY B 157 -10.44 14.54 2.46
C GLY B 157 -9.55 15.59 1.80
N VAL B 158 -8.70 16.27 2.56
CA VAL B 158 -7.88 17.35 2.01
C VAL B 158 -6.41 16.95 2.06
N THR B 159 -5.92 16.34 0.97
CA THR B 159 -4.62 15.67 0.98
C THR B 159 -3.75 16.06 -0.21
N SER B 160 -4.12 17.10 -0.96
CA SER B 160 -3.26 17.66 -2.00
C SER B 160 -3.64 19.13 -2.17
N GLY B 161 -2.79 19.86 -2.89
CA GLY B 161 -2.97 21.29 -3.07
C GLY B 161 -2.04 22.10 -2.18
N ARG B 162 -2.12 23.44 -2.35
CA ARG B 162 -1.14 24.31 -1.72
C ARG B 162 -1.30 24.40 -0.22
N GLN B 163 -2.53 24.38 0.27
CA GLN B 163 -2.76 24.51 1.71
C GLN B 163 -2.12 23.37 2.46
N VAL B 164 -2.41 22.13 2.07
CA VAL B 164 -1.90 21.03 2.85
C VAL B 164 -0.42 20.83 2.56
N LEU B 165 0.06 21.21 1.38
CA LEU B 165 1.50 21.19 1.11
C LEU B 165 2.25 22.17 2.03
N GLY B 166 1.77 23.41 2.14
CA GLY B 166 2.39 24.35 3.06
C GLY B 166 2.35 23.87 4.50
N LEU B 167 1.22 23.28 4.91
CA LEU B 167 1.17 22.70 6.25
C LEU B 167 2.21 21.60 6.42
N ALA B 168 2.38 20.77 5.39
CA ALA B 168 3.32 19.66 5.50
C ALA B 168 4.77 20.14 5.41
N GLN B 169 5.04 21.17 4.60
CA GLN B 169 6.39 21.72 4.58
C GLN B 169 6.79 22.28 5.94
N GLY B 170 5.83 22.86 6.67
CA GLY B 170 6.13 23.34 8.01
C GLY B 170 6.45 22.24 9.00
N TYR B 171 5.66 21.16 8.99
CA TYR B 171 5.92 20.04 9.90
C TYR B 171 7.24 19.36 9.58
N LEU B 172 7.50 19.11 8.30
CA LEU B 172 8.57 18.22 7.85
C LEU B 172 9.92 18.92 7.73
N GLU B 173 9.97 20.23 7.95
CA GLU B 173 11.21 20.99 7.79
C GLU B 173 12.35 20.46 8.65
N PRO B 174 12.17 20.17 9.95
CA PRO B 174 13.27 19.55 10.71
C PRO B 174 13.80 18.26 10.11
N LEU B 175 12.96 17.48 9.41
CA LEU B 175 13.40 16.22 8.84
C LEU B 175 14.23 16.45 7.58
N GLN B 176 13.82 17.42 6.76
CA GLN B 176 14.62 17.82 5.63
C GLN B 176 15.99 18.31 6.09
N ARG B 177 15.99 19.17 7.10
CA ARG B 177 17.26 19.69 7.60
C ARG B 177 18.11 18.57 8.20
N ALA B 178 17.47 17.60 8.85
CA ALA B 178 18.24 16.48 9.36
C ALA B 178 18.73 15.56 8.24
N GLU B 179 18.26 15.76 7.01
CA GLU B 179 18.74 15.02 5.83
C GLU B 179 18.38 13.53 5.92
N VAL B 180 17.22 13.21 6.49
CA VAL B 180 16.81 11.81 6.55
C VAL B 180 16.59 11.30 5.14
N ASP B 181 16.82 10.00 4.95
CA ASP B 181 16.48 9.35 3.68
C ASP B 181 15.40 8.30 3.85
N THR B 182 14.87 8.15 5.07
CA THR B 182 13.83 7.20 5.39
C THR B 182 12.85 7.85 6.37
N LEU B 183 11.57 7.73 6.08
CA LEU B 183 10.52 8.33 6.89
C LEU B 183 9.50 7.27 7.22
N VAL B 184 9.32 7.00 8.51
CA VAL B 184 8.25 6.12 8.99
C VAL B 184 6.96 6.92 9.09
N LEU B 185 5.93 6.48 8.36
CA LEU B 185 4.60 7.05 8.51
C LEU B 185 3.96 6.46 9.76
N GLY B 186 4.35 7.01 10.92
CA GLY B 186 3.98 6.46 12.23
C GLY B 186 2.58 6.80 12.73
N CYS B 187 1.60 6.62 11.86
CA CYS B 187 0.22 6.93 12.18
C CYS B 187 -0.68 6.26 11.15
N THR B 188 -1.87 5.84 11.58
CA THR B 188 -2.77 5.10 10.71
C THR B 188 -3.19 5.91 9.47
N HIS B 189 -3.34 7.22 9.63
CA HIS B 189 -3.90 8.01 8.53
C HIS B 189 -2.89 8.32 7.45
N TYR B 190 -1.60 8.29 7.78
CA TYR B 190 -0.56 8.86 6.91
C TYR B 190 -0.34 8.16 5.56
N PRO B 191 -0.75 6.91 5.36
CA PRO B 191 -0.66 6.36 3.98
C PRO B 191 -1.47 7.14 2.98
N LEU B 192 -2.54 7.81 3.43
CA LEU B 192 -3.35 8.62 2.51
C LEU B 192 -2.72 9.97 2.19
N LEU B 193 -1.58 10.28 2.79
CA LEU B 193 -0.76 11.44 2.48
C LEU B 193 0.56 11.10 1.80
N SER B 194 0.80 9.83 1.47
CA SER B 194 2.16 9.46 1.05
C SER B 194 2.58 10.17 -0.23
N GLY B 195 1.65 10.46 -1.12
CA GLY B 195 2.01 11.25 -2.30
C GLY B 195 2.33 12.70 -1.94
N LEU B 196 1.58 13.26 -0.99
CA LEU B 196 1.85 14.64 -0.58
C LEU B 196 3.18 14.72 0.15
N ILE B 197 3.46 13.74 1.01
CA ILE B 197 4.70 13.74 1.76
C ILE B 197 5.89 13.46 0.85
N GLN B 198 5.74 12.48 -0.05
CA GLN B 198 6.82 12.21 -1.00
C GLN B 198 7.18 13.48 -1.76
N LEU B 199 6.17 14.26 -2.15
CA LEU B 199 6.40 15.50 -2.87
C LEU B 199 7.16 16.52 -2.02
N ALA B 200 6.86 16.58 -0.72
CA ALA B 200 7.57 17.54 0.14
C ALA B 200 8.97 17.08 0.49
N MET B 201 9.21 15.78 0.57
CA MET B 201 10.49 15.26 1.04
C MET B 201 11.48 15.00 -0.09
N GLY B 202 11.03 14.99 -1.33
CA GLY B 202 11.87 14.63 -2.45
C GLY B 202 11.86 13.15 -2.73
N GLU B 203 12.51 12.78 -3.84
CA GLU B 203 12.48 11.42 -4.33
C GLU B 203 13.48 10.47 -3.66
N ASN B 204 14.49 10.98 -2.96
CA ASN B 204 15.43 10.07 -2.29
C ASN B 204 14.93 9.58 -0.93
N VAL B 205 13.78 10.03 -0.46
CA VAL B 205 13.30 9.63 0.86
C VAL B 205 12.39 8.42 0.68
N THR B 206 12.74 7.31 1.34
CA THR B 206 11.90 6.12 1.36
C THR B 206 10.85 6.23 2.46
N LEU B 207 9.57 6.21 2.07
CA LEU B 207 8.46 6.25 3.01
C LEU B 207 8.12 4.84 3.44
N VAL B 208 7.87 4.66 4.75
CA VAL B 208 7.57 3.34 5.29
C VAL B 208 6.17 3.37 5.85
N SER B 209 5.32 2.49 5.33
CA SER B 209 3.92 2.43 5.68
C SER B 209 3.74 1.45 6.84
N SER B 210 3.16 1.93 7.94
CA SER B 210 2.83 1.03 9.06
C SER B 210 1.88 -0.07 8.60
N ALA B 211 0.81 0.30 7.88
CA ALA B 211 -0.14 -0.66 7.34
C ALA B 211 0.56 -1.78 6.61
N GLU B 212 1.41 -1.42 5.64
CA GLU B 212 2.01 -2.42 4.77
C GLU B 212 2.89 -3.38 5.56
N GLU B 213 3.78 -2.85 6.39
CA GLU B 213 4.71 -3.72 7.11
C GLU B 213 3.99 -4.59 8.13
N THR B 214 2.97 -4.05 8.78
CA THR B 214 2.25 -4.84 9.77
C THR B 214 1.47 -5.98 9.11
N ALA B 215 0.86 -5.72 7.94
CA ALA B 215 0.18 -6.79 7.22
C ALA B 215 1.16 -7.89 6.80
N LYS B 216 2.37 -7.51 6.38
CA LYS B 216 3.33 -8.56 6.04
C LYS B 216 3.75 -9.34 7.27
N GLU B 217 3.80 -8.68 8.45
CA GLU B 217 4.11 -9.37 9.71
C GLU B 217 3.04 -10.39 10.05
N VAL B 218 1.76 -10.02 9.89
CA VAL B 218 0.66 -10.93 10.20
C VAL B 218 0.75 -12.19 9.31
N VAL B 219 1.01 -12.02 8.02
CA VAL B 219 1.26 -13.17 7.15
C VAL B 219 2.38 -14.04 7.72
N ARG B 220 3.50 -13.41 8.11
CA ARG B 220 4.65 -14.18 8.59
C ARG B 220 4.33 -14.91 9.89
N VAL B 221 3.77 -14.19 10.88
CA VAL B 221 3.46 -14.77 12.18
C VAL B 221 2.53 -15.98 12.02
N LEU B 222 1.39 -15.79 11.34
CA LEU B 222 0.44 -16.88 11.16
C LEU B 222 1.05 -18.05 10.39
N THR B 223 1.94 -17.77 9.43
CA THR B 223 2.60 -18.86 8.72
C THR B 223 3.53 -19.63 9.66
N GLU B 224 4.42 -18.92 10.36
CA GLU B 224 5.42 -19.61 11.16
C GLU B 224 4.83 -20.37 12.34
N ILE B 225 3.66 -19.97 12.86
CA ILE B 225 3.01 -20.75 13.91
C ILE B 225 1.97 -21.70 13.32
N ASP B 226 1.87 -21.76 12.00
CA ASP B 226 0.96 -22.66 11.28
C ASP B 226 -0.48 -22.51 11.75
N LEU B 227 -0.94 -21.26 11.80
CA LEU B 227 -2.30 -20.91 12.21
C LEU B 227 -3.06 -20.17 11.12
N LEU B 228 -2.78 -20.49 9.87
CA LEU B 228 -3.50 -19.90 8.74
C LEU B 228 -4.89 -20.54 8.58
N ARG B 229 -5.92 -19.72 8.44
CA ARG B 229 -7.24 -20.27 8.14
C ARG B 229 -7.21 -20.90 6.76
N PRO B 230 -7.69 -22.14 6.60
CA PRO B 230 -7.50 -22.84 5.32
C PRO B 230 -8.38 -22.27 4.20
N HIS B 231 -7.86 -22.39 2.97
CA HIS B 231 -8.57 -21.87 1.80
C HIS B 231 -9.88 -22.62 1.56
N ASP B 232 -10.00 -23.86 1.99
CA ASP B 232 -11.21 -24.63 1.76
C ASP B 232 -12.23 -24.50 2.90
N ALA B 233 -11.92 -23.72 3.93
CA ALA B 233 -12.92 -23.36 4.94
C ALA B 233 -14.01 -22.51 4.28
N PRO B 234 -15.14 -22.29 4.94
CA PRO B 234 -16.18 -21.40 4.38
C PRO B 234 -15.64 -20.00 4.11
N PRO B 235 -16.36 -19.21 3.32
CA PRO B 235 -15.88 -17.86 3.01
C PRO B 235 -15.63 -17.06 4.28
N ALA B 236 -14.56 -16.28 4.26
CA ALA B 236 -14.19 -15.45 5.40
C ALA B 236 -15.30 -14.48 5.77
N THR B 237 -15.50 -14.35 7.08
CA THR B 237 -16.37 -13.35 7.69
C THR B 237 -15.54 -12.17 8.18
N ARG B 238 -15.99 -10.96 7.87
CA ARG B 238 -15.28 -9.74 8.24
C ARG B 238 -16.26 -8.78 8.92
N ILE B 239 -16.13 -8.65 10.23
CA ILE B 239 -16.98 -7.81 11.06
C ILE B 239 -16.24 -6.54 11.40
N PHE B 240 -16.88 -5.39 11.18
CA PHE B 240 -16.36 -4.07 11.52
C PHE B 240 -17.32 -3.39 12.49
N GLU B 241 -16.83 -3.03 13.67
CA GLU B 241 -17.61 -2.43 14.74
C GLU B 241 -17.02 -1.08 15.14
N ALA B 242 -17.90 -0.22 15.64
CA ALA B 242 -17.51 1.07 16.20
C ALA B 242 -18.06 1.18 17.61
N THR B 243 -17.26 1.72 18.53
CA THR B 243 -17.76 2.01 19.86
C THR B 243 -18.56 3.29 19.92
N GLY B 244 -18.53 4.09 18.85
CA GLY B 244 -19.26 5.33 18.81
C GLY B 244 -20.39 5.23 17.81
N ASP B 245 -20.73 6.35 17.21
CA ASP B 245 -21.91 6.42 16.38
C ASP B 245 -21.76 5.54 15.15
N PRO B 246 -22.69 4.60 14.89
CA PRO B 246 -22.52 3.69 13.74
C PRO B 246 -22.60 4.38 12.38
N GLU B 247 -23.49 5.35 12.19
CA GLU B 247 -23.62 5.97 10.88
C GLU B 247 -22.40 6.82 10.55
N ALA B 248 -21.85 7.53 11.55
CA ALA B 248 -20.62 8.30 11.34
C ALA B 248 -19.45 7.39 11.00
N PHE B 249 -19.38 6.22 11.63
CA PHE B 249 -18.33 5.27 11.30
C PHE B 249 -18.40 4.85 9.84
N THR B 250 -19.60 4.51 9.38
CA THR B 250 -19.80 4.08 8.00
C THR B 250 -19.40 5.17 7.02
N LYS B 251 -19.82 6.41 7.27
CA LYS B 251 -19.50 7.51 6.37
C LYS B 251 -18.00 7.75 6.31
N LEU B 252 -17.35 7.81 7.47
CA LEU B 252 -15.91 8.03 7.49
C LEU B 252 -15.14 6.83 6.93
N ALA B 253 -15.68 5.60 7.09
CA ALA B 253 -14.97 4.42 6.56
C ALA B 253 -14.83 4.46 5.07
N ALA B 254 -15.71 5.19 4.37
CA ALA B 254 -15.62 5.26 2.91
C ALA B 254 -14.28 5.83 2.49
N ARG B 255 -13.74 6.77 3.27
CA ARG B 255 -12.49 7.43 2.92
C ARG B 255 -11.33 6.44 2.90
N PHE B 256 -11.34 5.45 3.81
CA PHE B 256 -10.22 4.55 3.95
C PHE B 256 -10.38 3.22 3.22
N LEU B 257 -11.61 2.84 2.86
CA LEU B 257 -11.79 1.58 2.15
C LEU B 257 -11.72 1.75 0.64
N GLY B 258 -12.19 2.88 0.13
CA GLY B 258 -12.16 3.09 -1.30
C GLY B 258 -13.34 2.48 -2.04
N PRO B 259 -13.37 2.70 -3.35
CA PRO B 259 -14.62 2.58 -4.12
C PRO B 259 -15.37 1.27 -3.92
N VAL B 260 -16.70 1.37 -3.93
CA VAL B 260 -17.58 0.22 -3.84
C VAL B 260 -18.03 -0.22 -5.24
N DGL C . -2.32 -6.34 -15.59
CA DGL C . -1.28 -7.30 -15.95
C DGL C . 0.07 -6.74 -15.61
O DGL C . 1.09 -7.20 -16.18
CB DGL C . -1.48 -8.63 -15.23
CG DGL C . -2.65 -9.46 -15.75
CD DGL C . -2.49 -9.88 -17.19
OE1 DGL C . -1.58 -10.68 -17.50
OE2 DGL C . -3.29 -9.39 -18.03
OXT DGL C . 0.15 -5.84 -14.77
N DGL D . -5.10 5.88 14.97
CA DGL D . -4.29 7.02 15.38
C DGL D . -2.80 6.73 15.22
O DGL D . -2.42 5.82 14.44
CB DGL D . -4.66 8.27 14.57
CG DGL D . -6.02 8.86 14.95
CD DGL D . -6.09 9.28 16.41
OE1 DGL D . -6.86 8.65 17.18
OE2 DGL D . -5.36 10.24 16.79
OXT DGL D . -1.97 7.39 15.84
#